data_1JMM
#
_entry.id   1JMM
#
_cell.length_a   124.570
_cell.length_b   124.570
_cell.length_c   147.692
_cell.angle_alpha   90.00
_cell.angle_beta   90.00
_cell.angle_gamma   120.00
#
_symmetry.space_group_name_H-M   'P 63 2 2'
#
loop_
_entity.id
_entity.type
_entity.pdbx_description
1 polymer 'protein I/II V-region'
2 non-polymer 'SODIUM ION'
3 water water
#
_entity_poly.entity_id   1
_entity_poly.type   'polypeptide(L)'
_entity_poly.pdbx_seq_one_letter_code
;QKDLADYPVKLKAYEDEQASIKAALAELEKHKNEDGNLTEPSAQNLVYDLEPNANLSLTTDGKFLKASAVDDAFSKSTSK
AKYVQKILQLDDLDITNLEQSNDVASS(MSE)ELYGNFGDKAGWSTTVSNNSQVKWGSVLLERGQSATATYTNLQNSYYN
GKKISKIVYKYTVDPKSKFQGQKVWLGIFTDPTLGVFASAYTGQVEKNTSIFIKNEFTFYDEDGKPINFDNALLSVASLN
REHNSIE(MSE)AKDYSGKFVKISGSSIGEKNG(MSE)IYATDTLNFKQGEGGSRWT(MSE)YKNSQAGSGWDSSDAPNS
WYGAGAIK(MSE)SGPNNHVTVGATSATNV(MSE)PVSD(MSE)PVVPGKDNTDGKKPNIWYSLNGKIRAVNVPKVTKEK
PTPPV
;
_entity_poly.pdbx_strand_id   A
#
loop_
_chem_comp.id
_chem_comp.type
_chem_comp.name
_chem_comp.formula
NA non-polymer 'SODIUM ION' 'Na 1'
#
# COMPACT_ATOMS: atom_id res chain seq x y z
N GLN A 1 35.57 9.96 -24.36
CA GLN A 1 35.31 10.29 -22.93
C GLN A 1 34.94 11.75 -22.73
N LYS A 2 33.76 12.15 -23.21
CA LYS A 2 33.32 13.52 -23.03
C LYS A 2 32.80 13.62 -21.59
N ASP A 3 32.91 12.50 -20.86
CA ASP A 3 32.48 12.42 -19.48
C ASP A 3 33.18 13.47 -18.64
N LEU A 4 34.48 13.64 -18.87
CA LEU A 4 35.28 14.61 -18.14
C LEU A 4 34.78 16.04 -18.34
N ALA A 5 33.98 16.25 -19.38
CA ALA A 5 33.44 17.57 -19.68
C ALA A 5 32.09 17.75 -18.98
N ASP A 6 31.38 16.64 -18.79
CA ASP A 6 30.07 16.68 -18.13
C ASP A 6 30.21 16.40 -16.64
N TYR A 7 31.24 15.65 -16.28
CA TYR A 7 31.51 15.31 -14.89
C TYR A 7 31.48 16.51 -13.94
N PRO A 8 32.07 17.65 -14.38
CA PRO A 8 32.07 18.84 -13.53
C PRO A 8 30.69 19.26 -13.02
N VAL A 9 29.73 19.39 -13.93
CA VAL A 9 28.38 19.80 -13.57
C VAL A 9 27.65 18.69 -12.80
N LYS A 10 27.97 17.44 -13.11
CA LYS A 10 27.34 16.29 -12.44
C LYS A 10 27.72 16.24 -10.97
N LEU A 11 29.02 16.37 -10.70
CA LEU A 11 29.54 16.33 -9.34
C LEU A 11 29.00 17.50 -8.52
N LYS A 12 28.80 18.64 -9.18
CA LYS A 12 28.29 19.81 -8.50
C LYS A 12 26.82 19.66 -8.14
N ALA A 13 26.03 19.15 -9.07
CA ALA A 13 24.60 18.95 -8.83
C ALA A 13 24.44 17.99 -7.65
N TYR A 14 25.30 16.99 -7.60
CA TYR A 14 25.28 16.00 -6.53
C TYR A 14 25.65 16.68 -5.22
N GLU A 15 26.87 17.18 -5.14
CA GLU A 15 27.38 17.87 -3.95
C GLU A 15 26.44 18.97 -3.48
N ASP A 16 25.81 19.67 -4.42
CA ASP A 16 24.88 20.71 -4.05
C ASP A 16 23.70 20.09 -3.30
N GLU A 17 23.02 19.14 -3.96
CA GLU A 17 21.88 18.47 -3.35
C GLU A 17 22.30 17.79 -2.05
N GLN A 18 23.40 17.05 -2.12
CA GLN A 18 23.93 16.34 -0.96
C GLN A 18 24.05 17.27 0.23
N ALA A 19 24.64 18.45 0.00
CA ALA A 19 24.82 19.44 1.06
C ALA A 19 23.49 20.07 1.43
N SER A 20 22.62 20.25 0.44
CA SER A 20 21.31 20.83 0.67
C SER A 20 20.45 19.93 1.55
N ILE A 21 20.66 18.63 1.41
CA ILE A 21 19.92 17.63 2.19
C ILE A 21 20.44 17.58 3.63
N LYS A 22 21.75 17.68 3.80
CA LYS A 22 22.38 17.65 5.11
C LYS A 22 21.89 18.81 5.98
N ALA A 23 21.82 19.99 5.38
CA ALA A 23 21.35 21.18 6.08
C ALA A 23 19.88 21.02 6.47
N ALA A 24 19.12 20.38 5.58
CA ALA A 24 17.69 20.15 5.81
C ALA A 24 17.46 19.22 7.00
N LEU A 25 18.31 18.20 7.12
CA LEU A 25 18.18 17.25 8.22
C LEU A 25 18.51 17.91 9.55
N ALA A 26 19.56 18.74 9.56
CA ALA A 26 19.96 19.43 10.78
C ALA A 26 18.85 20.38 11.22
N GLU A 27 18.11 20.92 10.26
CA GLU A 27 17.01 21.83 10.53
C GLU A 27 15.80 21.07 11.06
N LEU A 28 15.54 19.89 10.52
CA LEU A 28 14.42 19.06 10.94
C LEU A 28 14.63 18.51 12.34
N GLU A 29 15.89 18.43 12.75
CA GLU A 29 16.25 17.89 14.05
C GLU A 29 15.52 18.53 15.22
N LYS A 30 15.09 19.78 15.06
CA LYS A 30 14.39 20.46 16.14
C LYS A 30 12.87 20.45 15.96
N HIS A 31 12.40 19.81 14.90
CA HIS A 31 10.97 19.73 14.65
C HIS A 31 10.50 18.29 14.66
N LYS A 32 11.41 17.36 14.94
CA LYS A 32 11.09 15.94 14.94
C LYS A 32 9.98 15.49 15.87
N ASN A 33 9.64 16.30 16.87
CA ASN A 33 8.58 15.93 17.78
C ASN A 33 7.30 16.69 17.49
N GLU A 34 7.28 17.36 16.35
CA GLU A 34 6.11 18.12 15.93
C GLU A 34 5.27 17.29 14.95
N ASP A 35 3.96 17.48 15.00
CA ASP A 35 3.03 16.75 14.13
C ASP A 35 3.51 16.61 12.69
N GLY A 36 3.41 15.39 12.17
CA GLY A 36 3.79 15.11 10.80
C GLY A 36 5.27 14.91 10.51
N ASN A 37 6.11 15.00 11.53
CA ASN A 37 7.55 14.86 11.36
C ASN A 37 8.04 13.47 11.75
N LEU A 38 8.97 12.93 10.97
CA LEU A 38 9.55 11.64 11.29
C LEU A 38 10.32 11.82 12.58
N THR A 39 10.01 11.00 13.59
CA THR A 39 10.70 11.07 14.87
C THR A 39 12.21 10.96 14.67
N GLU A 40 12.62 10.20 13.66
CA GLU A 40 14.03 10.04 13.33
C GLU A 40 14.24 10.75 11.99
N PRO A 41 14.60 12.04 12.03
CA PRO A 41 14.83 12.78 10.80
C PRO A 41 15.71 12.00 9.82
N SER A 42 15.26 11.91 8.57
CA SER A 42 16.03 11.20 7.57
C SER A 42 15.53 11.51 6.16
N ALA A 43 16.43 11.38 5.20
CA ALA A 43 16.10 11.65 3.81
C ALA A 43 15.55 10.39 3.17
N GLN A 44 14.90 10.56 2.02
CA GLN A 44 14.35 9.44 1.28
C GLN A 44 15.18 9.24 0.01
N ASN A 45 15.99 8.18 -0.02
CA ASN A 45 16.82 7.91 -1.19
C ASN A 45 16.07 7.05 -2.20
N LEU A 46 14.83 6.70 -1.88
CA LEU A 46 14.00 5.89 -2.77
C LEU A 46 12.85 6.70 -3.37
N VAL A 47 12.96 7.03 -4.66
CA VAL A 47 11.91 7.77 -5.32
C VAL A 47 11.03 6.72 -5.98
N TYR A 48 9.85 6.52 -5.41
CA TYR A 48 8.95 5.48 -5.89
C TYR A 48 7.51 5.82 -5.48
N ASP A 49 6.84 6.61 -6.30
CA ASP A 49 5.46 6.99 -6.02
C ASP A 49 4.58 7.28 -7.24
N LEU A 50 5.13 7.16 -8.43
CA LEU A 50 4.35 7.44 -9.64
C LEU A 50 4.76 6.57 -10.82
N GLU A 51 3.94 5.56 -11.15
CA GLU A 51 4.25 4.66 -12.27
C GLU A 51 2.97 4.21 -12.97
N PRO A 52 2.16 5.17 -13.44
CA PRO A 52 0.90 4.85 -14.11
C PRO A 52 0.99 4.04 -15.40
N ASN A 53 2.17 4.03 -16.02
CA ASN A 53 2.33 3.32 -17.28
C ASN A 53 3.14 2.03 -17.24
N ALA A 54 3.58 1.64 -16.05
CA ALA A 54 4.36 0.42 -15.92
C ALA A 54 3.63 -0.78 -16.52
N ASN A 55 4.40 -1.79 -16.94
CA ASN A 55 3.86 -3.03 -17.49
C ASN A 55 3.79 -4.05 -16.36
N LEU A 56 2.76 -4.88 -16.38
CA LEU A 56 2.61 -5.89 -15.34
C LEU A 56 2.56 -7.29 -15.92
N SER A 57 3.24 -8.22 -15.26
CA SER A 57 3.25 -9.62 -15.66
C SER A 57 3.03 -10.44 -14.41
N LEU A 58 2.17 -11.44 -14.50
CA LEU A 58 1.88 -12.28 -13.35
C LEU A 58 2.03 -13.75 -13.64
N THR A 59 2.37 -14.51 -12.60
CA THR A 59 2.45 -15.97 -12.63
C THR A 59 1.79 -16.29 -11.30
N THR A 60 1.25 -17.49 -11.15
CA THR A 60 0.58 -17.85 -9.91
C THR A 60 0.46 -19.35 -9.78
N ASP A 61 0.45 -19.84 -8.55
CA ASP A 61 0.26 -21.28 -8.34
C ASP A 61 -1.21 -21.44 -8.00
N GLY A 62 -1.96 -20.35 -8.17
CA GLY A 62 -3.39 -20.34 -7.94
C GLY A 62 -4.10 -20.35 -9.29
N LYS A 63 -5.17 -19.58 -9.43
CA LYS A 63 -5.93 -19.53 -10.68
C LYS A 63 -6.10 -18.11 -11.25
N PHE A 64 -5.95 -17.98 -12.56
CA PHE A 64 -6.15 -16.69 -13.22
C PHE A 64 -7.66 -16.60 -13.44
N LEU A 65 -8.19 -15.39 -13.38
CA LEU A 65 -9.62 -15.17 -13.57
C LEU A 65 -9.87 -14.42 -14.87
N LYS A 66 -10.73 -14.97 -15.72
CA LYS A 66 -11.02 -14.31 -16.99
C LYS A 66 -11.53 -12.92 -16.66
N ALA A 67 -11.23 -11.96 -17.52
CA ALA A 67 -11.67 -10.59 -17.30
C ALA A 67 -13.20 -10.54 -17.35
N SER A 68 -13.80 -11.37 -18.20
CA SER A 68 -15.25 -11.41 -18.33
C SER A 68 -15.88 -11.92 -17.04
N ALA A 69 -15.20 -12.87 -16.38
CA ALA A 69 -15.72 -13.41 -15.13
C ALA A 69 -15.69 -12.33 -14.05
N VAL A 70 -14.62 -11.53 -14.03
CA VAL A 70 -14.51 -10.47 -13.04
C VAL A 70 -15.60 -9.44 -13.27
N ASP A 71 -15.87 -9.16 -14.54
CA ASP A 71 -16.90 -8.20 -14.91
C ASP A 71 -18.29 -8.67 -14.47
N ASP A 72 -18.57 -9.95 -14.63
CA ASP A 72 -19.87 -10.49 -14.23
C ASP A 72 -20.03 -10.45 -12.72
N ALA A 73 -18.96 -10.78 -12.01
CA ALA A 73 -18.99 -10.79 -10.55
C ALA A 73 -19.31 -9.38 -10.07
N PHE A 74 -18.78 -8.39 -10.77
CA PHE A 74 -19.02 -7.01 -10.38
C PHE A 74 -20.47 -6.62 -10.60
N SER A 75 -21.07 -7.14 -11.67
CA SER A 75 -22.45 -6.84 -12.01
C SER A 75 -23.46 -7.55 -11.12
N LYS A 76 -23.00 -8.57 -10.40
CA LYS A 76 -23.89 -9.34 -9.53
C LYS A 76 -23.72 -9.01 -8.04
N SER A 77 -24.58 -9.62 -7.23
CA SER A 77 -24.57 -9.47 -5.78
C SER A 77 -24.35 -8.05 -5.23
N THR A 78 -23.67 -7.97 -4.09
CA THR A 78 -23.40 -6.72 -3.38
C THR A 78 -22.76 -5.55 -4.12
N SER A 79 -22.12 -5.79 -5.27
CA SER A 79 -21.51 -4.70 -6.02
C SER A 79 -22.44 -4.25 -7.17
N LYS A 80 -23.50 -5.04 -7.40
CA LYS A 80 -24.49 -4.78 -8.45
C LYS A 80 -25.02 -3.34 -8.46
N ALA A 81 -25.49 -2.89 -7.31
CA ALA A 81 -26.03 -1.53 -7.19
C ALA A 81 -25.03 -0.50 -7.67
N LYS A 82 -23.80 -0.58 -7.17
CA LYS A 82 -22.75 0.37 -7.57
C LYS A 82 -22.38 0.19 -9.04
N TYR A 83 -22.51 -1.03 -9.54
CA TYR A 83 -22.20 -1.34 -10.93
C TYR A 83 -23.11 -0.57 -11.86
N VAL A 84 -24.41 -0.62 -11.57
CA VAL A 84 -25.41 0.08 -12.37
C VAL A 84 -25.13 1.58 -12.45
N GLN A 85 -24.42 2.10 -11.45
CA GLN A 85 -24.11 3.52 -11.43
C GLN A 85 -22.78 3.77 -12.14
N LYS A 86 -22.26 2.74 -12.79
CA LYS A 86 -20.99 2.83 -13.51
C LYS A 86 -19.83 3.06 -12.54
N ILE A 87 -19.85 2.32 -11.44
CA ILE A 87 -18.82 2.40 -10.42
C ILE A 87 -18.33 1.00 -10.07
N LEU A 88 -17.02 0.84 -10.00
CA LEU A 88 -16.42 -0.44 -9.64
C LEU A 88 -16.09 -0.40 -8.15
N GLN A 89 -17.00 -0.88 -7.32
CA GLN A 89 -16.85 -0.88 -5.87
C GLN A 89 -16.14 -2.15 -5.42
N LEU A 90 -14.82 -2.15 -5.50
CA LEU A 90 -14.03 -3.34 -5.13
C LEU A 90 -14.29 -3.89 -3.74
N ASP A 91 -14.46 -3.03 -2.74
CA ASP A 91 -14.70 -3.51 -1.39
C ASP A 91 -16.10 -4.06 -1.18
N ASP A 92 -16.85 -4.19 -2.27
CA ASP A 92 -18.21 -4.73 -2.21
C ASP A 92 -18.35 -5.95 -3.11
N LEU A 93 -17.29 -6.28 -3.84
CA LEU A 93 -17.36 -7.43 -4.73
C LEU A 93 -17.55 -8.73 -3.97
N ASP A 94 -18.53 -9.51 -4.42
CA ASP A 94 -18.84 -10.79 -3.81
C ASP A 94 -18.00 -11.84 -4.51
N ILE A 95 -16.94 -12.29 -3.83
CA ILE A 95 -16.01 -13.29 -4.37
C ILE A 95 -16.69 -14.58 -4.82
N THR A 96 -17.89 -14.82 -4.32
CA THR A 96 -18.65 -16.02 -4.65
C THR A 96 -18.77 -16.26 -6.16
N ASN A 97 -18.93 -15.20 -6.93
CA ASN A 97 -19.08 -15.32 -8.38
C ASN A 97 -17.78 -15.37 -9.18
N LEU A 98 -16.70 -15.75 -8.51
CA LEU A 98 -15.39 -15.88 -9.15
C LEU A 98 -14.87 -17.26 -8.81
N GLU A 99 -15.70 -18.08 -8.17
CA GLU A 99 -15.27 -19.40 -7.76
C GLU A 99 -15.76 -20.56 -8.63
N GLN A 100 -16.30 -20.24 -9.81
CA GLN A 100 -16.77 -21.27 -10.73
C GLN A 100 -15.66 -21.70 -11.69
N SER A 101 -15.68 -22.96 -12.08
CA SER A 101 -14.68 -23.53 -12.98
C SER A 101 -14.54 -22.74 -14.28
N ASN A 102 -15.65 -22.19 -14.76
CA ASN A 102 -15.64 -21.44 -16.00
C ASN A 102 -15.11 -20.01 -15.87
N ASP A 103 -14.64 -19.67 -14.67
CA ASP A 103 -14.09 -18.33 -14.43
C ASP A 103 -12.57 -18.32 -14.63
N VAL A 104 -11.96 -19.50 -14.54
CA VAL A 104 -10.52 -19.65 -14.68
C VAL A 104 -9.99 -19.42 -16.10
N ALA A 105 -8.92 -18.64 -16.22
CA ALA A 105 -8.30 -18.36 -17.50
C ALA A 105 -6.91 -19.00 -17.44
N SER A 106 -6.28 -19.18 -18.60
CA SER A 106 -4.96 -19.81 -18.64
C SER A 106 -3.85 -18.79 -18.49
N SER A 107 -4.21 -17.51 -18.60
CA SER A 107 -3.22 -16.44 -18.49
C SER A 107 -3.83 -15.21 -17.84
N MSE A 108 -3.00 -14.20 -17.63
CA MSE A 108 -3.46 -12.96 -17.02
C MSE A 108 -4.27 -12.14 -18.02
O MSE A 108 -3.95 -12.07 -19.19
CB MSE A 108 -2.27 -12.12 -16.55
CG MSE A 108 -2.64 -10.69 -16.14
SE MSE A 108 -1.11 -9.54 -15.85
CE MSE A 108 -0.82 -8.96 -17.68
N GLU A 109 -5.33 -11.52 -17.51
CA GLU A 109 -6.21 -10.67 -18.30
C GLU A 109 -6.51 -9.45 -17.45
N LEU A 110 -6.34 -8.27 -18.02
CA LEU A 110 -6.58 -7.05 -17.28
C LEU A 110 -8.04 -6.63 -17.31
N TYR A 111 -8.47 -5.97 -16.25
CA TYR A 111 -9.83 -5.47 -16.12
C TYR A 111 -9.76 -4.11 -15.45
N GLY A 112 -10.80 -3.31 -15.61
CA GLY A 112 -10.82 -1.99 -15.02
C GLY A 112 -11.70 -1.00 -15.79
N ASN A 113 -11.59 0.27 -15.45
CA ASN A 113 -12.37 1.31 -16.09
C ASN A 113 -11.61 1.85 -17.31
N PHE A 114 -11.58 1.07 -18.39
CA PHE A 114 -10.86 1.49 -19.59
C PHE A 114 -11.43 0.99 -20.91
N GLY A 115 -11.95 -0.24 -20.94
CA GLY A 115 -12.49 -0.73 -22.19
C GLY A 115 -13.77 -0.01 -22.56
N ASP A 116 -14.88 -0.71 -22.40
CA ASP A 116 -16.18 -0.14 -22.65
C ASP A 116 -16.57 0.59 -21.37
N LYS A 117 -15.62 0.67 -20.45
CA LYS A 117 -15.83 1.33 -19.16
C LYS A 117 -14.80 2.43 -18.94
N ALA A 118 -14.39 3.07 -20.02
CA ALA A 118 -13.39 4.13 -19.95
C ALA A 118 -13.88 5.29 -19.09
N GLY A 119 -15.18 5.56 -19.13
CA GLY A 119 -15.72 6.65 -18.34
C GLY A 119 -15.91 6.31 -16.88
N TRP A 120 -16.23 5.04 -16.61
CA TRP A 120 -16.45 4.55 -15.25
C TRP A 120 -15.43 5.03 -14.22
N SER A 121 -15.77 4.81 -12.96
CA SER A 121 -14.90 5.18 -11.85
C SER A 121 -14.77 3.96 -10.92
N THR A 122 -13.68 3.92 -10.17
CA THR A 122 -13.47 2.80 -9.26
C THR A 122 -13.14 3.37 -7.90
N THR A 123 -13.14 2.50 -6.91
CA THR A 123 -12.83 2.90 -5.54
C THR A 123 -11.34 2.98 -5.26
N VAL A 124 -10.52 2.83 -6.30
CA VAL A 124 -9.06 2.88 -6.13
C VAL A 124 -8.50 4.24 -6.54
N SER A 125 -9.25 4.98 -7.35
CA SER A 125 -8.81 6.31 -7.78
C SER A 125 -9.87 7.03 -8.59
N ASN A 126 -11.12 6.92 -8.16
CA ASN A 126 -12.27 7.55 -8.81
C ASN A 126 -12.30 7.38 -10.33
N ASN A 127 -12.11 8.48 -11.07
CA ASN A 127 -12.14 8.41 -12.54
C ASN A 127 -10.82 8.18 -13.26
N SER A 128 -9.70 8.36 -12.57
CA SER A 128 -8.40 8.12 -13.21
C SER A 128 -8.40 6.67 -13.67
N GLN A 129 -7.88 6.43 -14.88
CA GLN A 129 -7.85 5.08 -15.42
C GLN A 129 -7.00 4.16 -14.54
N VAL A 130 -7.52 2.96 -14.31
CA VAL A 130 -6.83 1.96 -13.50
C VAL A 130 -7.07 0.57 -14.09
N LYS A 131 -6.02 -0.26 -14.10
CA LYS A 131 -6.13 -1.60 -14.63
C LYS A 131 -5.51 -2.61 -13.65
N TRP A 132 -6.10 -3.80 -13.56
CA TRP A 132 -5.55 -4.81 -12.67
C TRP A 132 -5.75 -6.24 -13.15
N GLY A 133 -4.82 -7.11 -12.77
CA GLY A 133 -4.92 -8.52 -13.12
C GLY A 133 -5.57 -9.22 -11.95
N SER A 134 -6.23 -10.36 -12.19
CA SER A 134 -6.90 -11.04 -11.09
C SER A 134 -6.63 -12.53 -10.98
N VAL A 135 -6.40 -12.97 -9.74
CA VAL A 135 -6.14 -14.37 -9.46
C VAL A 135 -7.01 -14.81 -8.29
N LEU A 136 -7.26 -16.11 -8.20
CA LEU A 136 -8.05 -16.68 -7.11
C LEU A 136 -7.04 -17.54 -6.38
N LEU A 137 -6.74 -17.19 -5.12
CA LEU A 137 -5.76 -17.93 -4.33
C LEU A 137 -6.32 -18.49 -3.04
N GLU A 138 -5.67 -19.55 -2.55
CA GLU A 138 -6.05 -20.17 -1.30
C GLU A 138 -4.88 -19.93 -0.37
N ARG A 139 -5.07 -20.13 0.92
CA ARG A 139 -4.01 -19.93 1.89
C ARG A 139 -2.72 -20.57 1.39
N GLY A 140 -1.60 -19.87 1.55
CA GLY A 140 -0.33 -20.43 1.10
C GLY A 140 -0.02 -20.23 -0.37
N GLN A 141 -1.04 -20.07 -1.20
CA GLN A 141 -0.79 -19.86 -2.63
C GLN A 141 -0.40 -18.42 -2.86
N SER A 142 0.12 -18.14 -4.05
CA SER A 142 0.56 -16.79 -4.34
C SER A 142 0.59 -16.40 -5.80
N ALA A 143 0.87 -15.12 -6.02
CA ALA A 143 0.99 -14.55 -7.34
C ALA A 143 2.28 -13.74 -7.31
N THR A 144 3.06 -13.84 -8.37
CA THR A 144 4.31 -13.08 -8.44
C THR A 144 4.17 -12.03 -9.53
N ALA A 145 4.25 -10.76 -9.13
CA ALA A 145 4.11 -9.66 -10.07
C ALA A 145 5.43 -9.05 -10.48
N THR A 146 5.65 -8.95 -11.78
CA THR A 146 6.86 -8.33 -12.30
C THR A 146 6.45 -7.04 -12.99
N TYR A 147 6.96 -5.94 -12.46
CA TYR A 147 6.66 -4.62 -13.01
C TYR A 147 7.88 -4.17 -13.80
N THR A 148 7.67 -3.86 -15.08
CA THR A 148 8.75 -3.44 -15.96
C THR A 148 8.48 -2.11 -16.64
N ASN A 149 9.53 -1.54 -17.23
CA ASN A 149 9.45 -0.26 -17.94
C ASN A 149 8.86 0.87 -17.12
N LEU A 150 9.40 1.08 -15.93
CA LEU A 150 8.96 2.16 -15.05
C LEU A 150 9.68 3.40 -15.58
N GLN A 151 9.21 4.60 -15.23
CA GLN A 151 9.91 5.79 -15.73
C GLN A 151 10.16 6.90 -14.72
N ASN A 152 9.69 6.75 -13.49
CA ASN A 152 9.88 7.80 -12.49
C ASN A 152 10.52 7.32 -11.21
N SER A 153 10.98 6.08 -11.21
CA SER A 153 11.56 5.56 -9.98
C SER A 153 13.06 5.43 -9.95
N TYR A 154 13.63 5.86 -8.83
CA TYR A 154 15.09 5.82 -8.67
C TYR A 154 15.50 5.53 -7.25
N TYR A 155 16.68 4.94 -7.12
CA TYR A 155 17.27 4.65 -5.81
C TYR A 155 18.62 5.33 -5.85
N ASN A 156 18.81 6.34 -5.00
CA ASN A 156 20.07 7.07 -4.98
C ASN A 156 20.37 7.64 -6.36
N GLY A 157 19.33 8.11 -7.04
CA GLY A 157 19.50 8.69 -8.36
C GLY A 157 19.76 7.67 -9.45
N LYS A 158 19.79 6.39 -9.07
CA LYS A 158 20.03 5.32 -10.03
C LYS A 158 18.66 4.79 -10.43
N LYS A 159 18.38 4.79 -11.73
CA LYS A 159 17.09 4.34 -12.24
C LYS A 159 16.71 2.89 -11.90
N ILE A 160 15.46 2.71 -11.47
CA ILE A 160 14.94 1.39 -11.14
C ILE A 160 14.22 0.93 -12.41
N SER A 161 14.64 -0.20 -12.95
CA SER A 161 14.06 -0.71 -14.17
C SER A 161 12.98 -1.77 -13.95
N LYS A 162 13.10 -2.50 -12.85
CA LYS A 162 12.16 -3.58 -12.60
C LYS A 162 11.91 -3.82 -11.11
N ILE A 163 10.72 -4.31 -10.81
CA ILE A 163 10.32 -4.63 -9.44
C ILE A 163 9.57 -5.96 -9.48
N VAL A 164 9.96 -6.90 -8.64
CA VAL A 164 9.29 -8.20 -8.59
C VAL A 164 8.72 -8.41 -7.19
N TYR A 165 7.39 -8.48 -7.09
CA TYR A 165 6.68 -8.67 -5.83
C TYR A 165 6.01 -10.03 -5.80
N LYS A 166 6.09 -10.71 -4.65
CA LYS A 166 5.41 -11.98 -4.50
C LYS A 166 4.35 -11.76 -3.43
N TYR A 167 3.09 -11.95 -3.80
CA TYR A 167 1.98 -11.78 -2.87
C TYR A 167 1.52 -13.18 -2.44
N THR A 168 1.60 -13.48 -1.14
CA THR A 168 1.18 -14.80 -0.65
C THR A 168 0.08 -14.65 0.40
N VAL A 169 -0.97 -15.44 0.28
CA VAL A 169 -2.08 -15.40 1.23
C VAL A 169 -1.65 -16.09 2.51
N ASP A 170 -1.50 -15.32 3.59
CA ASP A 170 -1.08 -15.85 4.88
C ASP A 170 -2.03 -16.94 5.37
N PRO A 171 -1.52 -18.15 5.57
CA PRO A 171 -2.36 -19.26 6.03
C PRO A 171 -3.11 -18.93 7.32
N LYS A 172 -2.50 -18.14 8.18
CA LYS A 172 -3.12 -17.78 9.45
C LYS A 172 -4.30 -16.81 9.34
N SER A 173 -4.68 -16.46 8.12
CA SER A 173 -5.83 -15.58 7.92
C SER A 173 -7.04 -16.34 8.43
N LYS A 174 -7.93 -15.66 9.16
CA LYS A 174 -9.10 -16.32 9.73
C LYS A 174 -10.42 -16.14 8.98
N PHE A 175 -10.37 -15.52 7.79
CA PHE A 175 -11.61 -15.33 7.05
C PHE A 175 -12.32 -16.68 6.81
N GLN A 176 -13.65 -16.64 6.74
CA GLN A 176 -14.40 -17.85 6.47
C GLN A 176 -14.24 -18.10 4.99
N GLY A 177 -14.17 -19.37 4.60
CA GLY A 177 -14.01 -19.68 3.19
C GLY A 177 -12.59 -20.12 2.92
N GLN A 178 -12.35 -20.61 1.70
CA GLN A 178 -11.03 -21.10 1.33
C GLN A 178 -10.36 -20.23 0.27
N LYS A 179 -11.11 -19.31 -0.31
CA LYS A 179 -10.55 -18.51 -1.38
C LYS A 179 -10.41 -17.01 -1.16
N VAL A 180 -9.50 -16.43 -1.93
CA VAL A 180 -9.20 -15.01 -1.87
C VAL A 180 -9.02 -14.47 -3.28
N TRP A 181 -9.61 -13.32 -3.54
CA TRP A 181 -9.46 -12.70 -4.83
C TRP A 181 -8.36 -11.66 -4.66
N LEU A 182 -7.38 -11.70 -5.56
CA LEU A 182 -6.29 -10.74 -5.50
C LEU A 182 -6.33 -9.93 -6.78
N GLY A 183 -6.45 -8.61 -6.63
CA GLY A 183 -6.47 -7.73 -7.78
C GLY A 183 -5.19 -6.92 -7.70
N ILE A 184 -4.29 -7.16 -8.65
CA ILE A 184 -3.01 -6.49 -8.70
C ILE A 184 -2.99 -5.45 -9.81
N PHE A 185 -2.86 -4.19 -9.41
CA PHE A 185 -2.86 -3.07 -10.36
C PHE A 185 -1.60 -3.01 -11.19
N THR A 186 -1.72 -2.51 -12.41
CA THR A 186 -0.56 -2.41 -13.29
C THR A 186 0.44 -1.41 -12.72
N ASP A 187 -0.06 -0.35 -12.09
CA ASP A 187 0.79 0.66 -11.47
C ASP A 187 1.21 0.08 -10.11
N PRO A 188 2.46 -0.40 -10.00
CA PRO A 188 2.94 -0.98 -8.74
C PRO A 188 2.72 -0.15 -7.48
N THR A 189 2.65 1.17 -7.63
CA THR A 189 2.46 2.03 -6.46
C THR A 189 1.03 2.05 -5.93
N LEU A 190 0.09 1.50 -6.70
CA LEU A 190 -1.30 1.42 -6.28
C LEU A 190 -1.53 0.18 -5.43
N GLY A 191 -0.56 -0.73 -5.47
CA GLY A 191 -0.65 -1.94 -4.67
C GLY A 191 -1.59 -3.00 -5.17
N VAL A 192 -2.39 -3.53 -4.27
CA VAL A 192 -3.32 -4.61 -4.61
C VAL A 192 -4.57 -4.56 -3.73
N PHE A 193 -5.57 -5.32 -4.14
CA PHE A 193 -6.81 -5.42 -3.39
C PHE A 193 -7.02 -6.90 -3.12
N ALA A 194 -7.13 -7.26 -1.85
CA ALA A 194 -7.32 -8.65 -1.48
C ALA A 194 -8.68 -8.81 -0.83
N SER A 195 -9.43 -9.84 -1.23
CA SER A 195 -10.77 -10.04 -0.67
C SER A 195 -11.23 -11.48 -0.57
N ALA A 196 -11.83 -11.81 0.56
CA ALA A 196 -12.38 -13.15 0.79
C ALA A 196 -13.87 -12.94 1.11
N TYR A 197 -14.32 -11.70 0.88
CA TYR A 197 -15.70 -11.30 1.13
C TYR A 197 -16.67 -12.07 0.25
N THR A 198 -17.60 -12.78 0.90
CA THR A 198 -18.59 -13.56 0.18
C THR A 198 -20.02 -13.06 0.38
N GLY A 199 -20.17 -11.76 0.57
CA GLY A 199 -21.49 -11.18 0.75
C GLY A 199 -21.91 -10.80 2.17
N GLN A 200 -21.28 -11.42 3.18
CA GLN A 200 -21.63 -11.13 4.56
C GLN A 200 -20.41 -10.75 5.39
N VAL A 201 -20.60 -9.87 6.37
CA VAL A 201 -19.52 -9.48 7.24
C VAL A 201 -19.21 -10.70 8.11
N GLU A 202 -18.04 -10.71 8.74
CA GLU A 202 -17.64 -11.84 9.56
C GLU A 202 -17.01 -11.39 10.87
N LYS A 203 -17.22 -12.17 11.92
CA LYS A 203 -16.67 -11.84 13.23
C LYS A 203 -15.39 -12.60 13.42
N ASN A 204 -14.49 -12.04 14.21
CA ASN A 204 -13.21 -12.69 14.48
C ASN A 204 -12.45 -13.09 13.21
N THR A 205 -12.63 -12.36 12.12
CA THR A 205 -11.92 -12.70 10.89
C THR A 205 -10.70 -11.84 10.64
N SER A 206 -10.09 -12.10 9.49
CA SER A 206 -8.92 -11.36 9.06
C SER A 206 -8.51 -11.87 7.70
N ILE A 207 -7.67 -11.07 7.05
CA ILE A 207 -7.13 -11.40 5.76
C ILE A 207 -5.76 -10.74 5.76
N PHE A 208 -4.73 -11.56 5.66
CA PHE A 208 -3.36 -11.08 5.65
C PHE A 208 -2.64 -11.56 4.41
N ILE A 209 -1.90 -10.66 3.78
CA ILE A 209 -1.15 -10.98 2.58
C ILE A 209 0.33 -10.70 2.84
N LYS A 210 1.18 -11.67 2.58
CA LYS A 210 2.62 -11.51 2.77
C LYS A 210 3.16 -10.87 1.50
N ASN A 211 4.01 -9.86 1.66
CA ASN A 211 4.60 -9.15 0.53
C ASN A 211 6.11 -9.25 0.54
N GLU A 212 6.67 -9.87 -0.50
CA GLU A 212 8.12 -10.02 -0.66
C GLU A 212 8.48 -9.27 -1.92
N PHE A 213 9.44 -8.36 -1.82
CA PHE A 213 9.81 -7.57 -2.98
C PHE A 213 11.30 -7.34 -3.17
N THR A 214 11.67 -7.24 -4.45
CA THR A 214 13.06 -6.99 -4.85
C THR A 214 12.98 -5.95 -5.95
N PHE A 215 13.79 -4.89 -5.83
CA PHE A 215 13.86 -3.83 -6.83
C PHE A 215 15.15 -4.08 -7.63
N TYR A 216 15.11 -3.86 -8.94
CA TYR A 216 16.29 -4.10 -9.76
C TYR A 216 16.81 -2.86 -10.48
N ASP A 217 18.13 -2.81 -10.68
CA ASP A 217 18.72 -1.67 -11.38
C ASP A 217 18.76 -1.89 -12.88
N GLU A 218 19.28 -0.90 -13.61
CA GLU A 218 19.36 -0.96 -15.07
C GLU A 218 20.18 -2.12 -15.59
N ASP A 219 20.89 -2.81 -14.70
CA ASP A 219 21.69 -3.95 -15.13
C ASP A 219 21.00 -5.27 -14.74
N GLY A 220 19.81 -5.15 -14.17
CA GLY A 220 19.06 -6.34 -13.77
C GLY A 220 19.54 -6.95 -12.47
N LYS A 221 20.33 -6.19 -11.73
CA LYS A 221 20.87 -6.68 -10.46
C LYS A 221 20.00 -6.17 -9.33
N PRO A 222 19.74 -7.02 -8.32
CA PRO A 222 18.91 -6.59 -7.20
C PRO A 222 19.56 -5.36 -6.54
N ILE A 223 18.74 -4.43 -6.09
CA ILE A 223 19.25 -3.23 -5.44
C ILE A 223 19.37 -3.45 -3.94
N ASN A 224 20.59 -3.27 -3.43
CA ASN A 224 20.86 -3.45 -2.01
C ASN A 224 20.60 -2.15 -1.26
N PHE A 225 19.36 -2.00 -0.77
CA PHE A 225 18.98 -0.79 -0.06
C PHE A 225 19.85 -0.46 1.14
N ASP A 226 20.02 0.83 1.34
CA ASP A 226 20.80 1.34 2.47
C ASP A 226 19.88 2.35 3.15
N ASN A 227 19.06 1.84 4.07
CA ASN A 227 18.11 2.67 4.81
C ASN A 227 17.15 3.45 3.94
N ALA A 228 16.48 2.75 3.03
CA ALA A 228 15.49 3.37 2.18
C ALA A 228 14.24 3.43 3.05
N LEU A 229 13.35 4.38 2.75
CA LEU A 229 12.14 4.53 3.52
C LEU A 229 10.95 3.95 2.77
N LEU A 230 10.27 3.00 3.39
CA LEU A 230 9.11 2.37 2.80
C LEU A 230 7.89 2.95 3.51
N SER A 231 6.93 3.45 2.75
CA SER A 231 5.74 4.01 3.35
C SER A 231 4.69 2.97 3.72
N VAL A 232 4.26 3.00 4.97
CA VAL A 232 3.21 2.11 5.44
C VAL A 232 2.12 3.09 5.86
N ALA A 233 1.16 3.30 4.96
CA ALA A 233 0.09 4.27 5.18
C ALA A 233 -1.29 3.65 5.09
N SER A 234 -2.29 4.49 5.35
CA SER A 234 -3.70 4.09 5.29
C SER A 234 -4.01 2.92 6.22
N LEU A 235 -3.40 2.92 7.40
CA LEU A 235 -3.63 1.86 8.37
C LEU A 235 -4.87 2.20 9.19
N ASN A 236 -6.03 2.01 8.56
CA ASN A 236 -7.32 2.30 9.17
C ASN A 236 -7.67 1.47 10.37
N ARG A 237 -8.30 2.11 11.35
CA ARG A 237 -8.74 1.39 12.54
C ARG A 237 -10.11 1.92 12.93
N GLU A 238 -11.13 1.09 12.73
CA GLU A 238 -12.49 1.44 13.12
C GLU A 238 -12.75 0.76 14.46
N HIS A 239 -13.90 1.00 15.05
CA HIS A 239 -14.21 0.41 16.34
C HIS A 239 -14.14 -1.12 16.33
N ASN A 240 -14.34 -1.74 15.18
CA ASN A 240 -14.32 -3.21 15.12
C ASN A 240 -13.23 -3.80 14.22
N SER A 241 -12.44 -2.95 13.58
CA SER A 241 -11.43 -3.43 12.65
C SER A 241 -10.09 -2.70 12.74
N ILE A 242 -9.01 -3.46 12.61
CA ILE A 242 -7.68 -2.89 12.67
C ILE A 242 -6.85 -3.34 11.48
N GLU A 243 -6.34 -2.37 10.71
CA GLU A 243 -5.48 -2.70 9.57
C GLU A 243 -4.07 -2.51 10.10
N MSE A 244 -3.21 -3.50 9.86
CA MSE A 244 -1.84 -3.43 10.37
C MSE A 244 -0.82 -4.07 9.45
O MSE A 244 -1.15 -4.78 8.52
CB MSE A 244 -1.75 -4.15 11.71
CG MSE A 244 -2.11 -5.63 11.59
SE MSE A 244 -1.76 -6.73 13.15
CE MSE A 244 -3.02 -5.90 14.39
N ALA A 245 0.45 -3.81 9.76
CA ALA A 245 1.57 -4.39 9.04
C ALA A 245 2.33 -5.16 10.12
N LYS A 246 2.86 -6.33 9.77
CA LYS A 246 3.64 -7.12 10.70
C LYS A 246 4.57 -8.05 9.93
N ASP A 247 5.37 -8.84 10.66
CA ASP A 247 6.32 -9.77 10.04
C ASP A 247 7.04 -9.04 8.92
N TYR A 248 7.79 -8.02 9.30
CA TYR A 248 8.50 -7.21 8.32
C TYR A 248 9.99 -7.13 8.62
N SER A 249 10.75 -6.85 7.56
CA SER A 249 12.20 -6.69 7.68
C SER A 249 12.40 -5.18 7.85
N GLY A 250 13.54 -4.78 8.39
CA GLY A 250 13.80 -3.36 8.59
C GLY A 250 13.35 -2.86 9.94
N LYS A 251 13.45 -1.54 10.14
CA LYS A 251 13.07 -0.92 11.40
C LYS A 251 11.94 0.09 11.24
N PHE A 252 10.93 0.01 12.11
CA PHE A 252 9.80 0.92 12.07
C PHE A 252 10.23 2.30 12.57
N VAL A 253 9.74 3.34 11.91
CA VAL A 253 10.04 4.71 12.32
C VAL A 253 8.70 5.43 12.42
N LYS A 254 8.43 5.96 13.60
CA LYS A 254 7.19 6.66 13.85
C LYS A 254 7.15 8.10 13.37
N ILE A 255 5.96 8.53 12.98
CA ILE A 255 5.73 9.89 12.54
C ILE A 255 5.06 10.58 13.73
N SER A 256 5.76 11.55 14.31
CA SER A 256 5.26 12.28 15.46
C SER A 256 3.81 12.73 15.31
N GLY A 257 2.99 12.44 16.31
CA GLY A 257 1.60 12.85 16.27
C GLY A 257 0.69 11.90 15.51
N SER A 258 1.28 10.93 14.81
CA SER A 258 0.49 9.96 14.06
C SER A 258 -0.20 8.99 15.01
N SER A 259 -1.34 8.44 14.57
CA SER A 259 -2.04 7.49 15.40
C SER A 259 -1.33 6.14 15.29
N ILE A 260 -0.48 6.02 14.27
CA ILE A 260 0.26 4.79 14.01
C ILE A 260 1.53 4.64 14.83
N GLY A 261 1.69 3.48 15.44
CA GLY A 261 2.87 3.21 16.22
C GLY A 261 3.18 1.73 16.12
N GLU A 262 4.15 1.26 16.89
CA GLU A 262 4.51 -0.14 16.87
C GLU A 262 4.38 -0.74 18.27
N LYS A 263 3.68 -1.87 18.35
CA LYS A 263 3.47 -2.52 19.62
C LYS A 263 3.45 -4.03 19.42
N ASN A 264 4.26 -4.73 20.20
CA ASN A 264 4.31 -6.19 20.10
C ASN A 264 4.60 -6.69 18.69
N GLY A 265 5.45 -5.97 17.96
CA GLY A 265 5.82 -6.37 16.62
C GLY A 265 4.84 -6.03 15.50
N MSE A 266 3.80 -5.28 15.85
CA MSE A 266 2.81 -4.91 14.84
C MSE A 266 2.69 -3.41 14.70
O MSE A 266 2.79 -2.67 15.68
CB MSE A 266 1.46 -5.53 15.21
CG MSE A 266 1.54 -7.04 15.32
SE MSE A 266 -0.03 -7.86 16.07
CE MSE A 266 0.05 -7.09 17.84
N ILE A 267 2.49 -2.95 13.46
CA ILE A 267 2.38 -1.54 13.17
C ILE A 267 0.92 -1.19 12.89
N TYR A 268 0.31 -0.41 13.79
CA TYR A 268 -1.09 -0.03 13.64
C TYR A 268 -1.47 1.12 14.58
N ALA A 269 -2.72 1.55 14.52
CA ALA A 269 -3.18 2.62 15.41
C ALA A 269 -3.26 1.95 16.77
N THR A 270 -2.14 1.98 17.48
CA THR A 270 -2.01 1.32 18.78
C THR A 270 -2.87 1.78 19.96
N ASP A 271 -3.16 3.08 20.05
CA ASP A 271 -3.92 3.61 21.18
C ASP A 271 -5.29 4.23 20.92
N THR A 272 -5.59 4.53 19.66
CA THR A 272 -6.89 5.13 19.34
C THR A 272 -7.40 4.65 18.00
N LEU A 273 -8.66 4.96 17.70
CA LEU A 273 -9.23 4.61 16.41
C LEU A 273 -8.79 5.80 15.55
N ASN A 274 -9.08 5.78 14.25
CA ASN A 274 -8.73 6.92 13.42
C ASN A 274 -9.74 7.10 12.29
N PHE A 275 -10.96 6.62 12.55
CA PHE A 275 -12.04 6.67 11.57
C PHE A 275 -12.88 7.96 11.59
N LYS A 276 -13.41 8.29 12.76
CA LYS A 276 -14.25 9.47 12.91
C LYS A 276 -13.79 10.34 14.08
N GLN A 277 -13.60 11.63 13.80
CA GLN A 277 -13.15 12.58 14.82
C GLN A 277 -13.99 12.50 16.09
N GLY A 278 -13.32 12.51 17.24
CA GLY A 278 -14.04 12.45 18.50
C GLY A 278 -14.50 11.06 18.91
N GLU A 279 -14.37 10.08 18.00
CA GLU A 279 -14.77 8.71 18.31
C GLU A 279 -13.57 7.81 18.60
N GLY A 280 -13.52 7.26 19.82
CA GLY A 280 -12.43 6.38 20.20
C GLY A 280 -11.06 7.04 20.21
N GLY A 281 -11.02 8.34 20.51
CA GLY A 281 -9.77 9.07 20.55
C GLY A 281 -9.27 9.59 19.21
N SER A 282 -9.97 9.26 18.14
CA SER A 282 -9.54 9.72 16.82
C SER A 282 -9.56 11.23 16.71
N ARG A 283 -8.46 11.77 16.21
CA ARG A 283 -8.33 13.22 16.04
C ARG A 283 -9.07 13.76 14.82
N TRP A 284 -9.08 12.99 13.74
CA TRP A 284 -9.76 13.42 12.50
C TRP A 284 -10.58 12.29 11.89
N THR A 285 -11.54 12.65 11.04
CA THR A 285 -12.36 11.64 10.37
C THR A 285 -11.62 11.28 9.09
N MSE A 286 -11.53 9.98 8.80
CA MSE A 286 -10.81 9.49 7.63
C MSE A 286 -11.38 9.94 6.30
O MSE A 286 -10.65 10.09 5.32
CB MSE A 286 -10.72 7.96 7.68
CG MSE A 286 -12.04 7.24 7.52
SE MSE A 286 -12.48 6.85 5.67
CE MSE A 286 -11.59 5.14 5.50
N TYR A 287 -12.69 10.15 6.24
CA TYR A 287 -13.34 10.59 5.02
C TYR A 287 -13.60 12.10 5.06
N LYS A 288 -13.59 12.72 3.88
CA LYS A 288 -13.82 14.16 3.76
C LYS A 288 -15.24 14.57 4.16
N ASN A 289 -15.34 15.52 5.08
CA ASN A 289 -16.64 16.04 5.49
C ASN A 289 -16.51 17.49 5.93
N SER A 290 -17.54 18.01 6.58
CA SER A 290 -17.53 19.39 7.03
C SER A 290 -16.36 19.80 7.93
N GLN A 291 -15.99 18.93 8.88
CA GLN A 291 -14.92 19.26 9.81
C GLN A 291 -13.50 19.29 9.24
N ALA A 292 -12.72 20.24 9.74
CA ALA A 292 -11.35 20.44 9.33
C ALA A 292 -10.48 19.21 9.62
N GLY A 293 -9.55 18.93 8.70
CA GLY A 293 -8.66 17.80 8.86
C GLY A 293 -9.26 16.50 8.37
N SER A 294 -10.55 16.50 8.06
CA SER A 294 -11.21 15.28 7.59
C SER A 294 -10.60 14.85 6.26
N GLY A 295 -10.92 13.62 5.85
CA GLY A 295 -10.38 13.09 4.61
C GLY A 295 -8.88 12.86 4.67
N TRP A 296 -8.35 12.59 5.86
CA TRP A 296 -6.92 12.37 5.99
C TRP A 296 -6.46 11.14 5.24
N ASP A 297 -7.38 10.21 5.04
CA ASP A 297 -7.07 8.96 4.36
C ASP A 297 -7.16 9.00 2.85
N SER A 298 -6.14 9.58 2.23
CA SER A 298 -6.03 9.68 0.77
C SER A 298 -4.52 9.81 0.54
N SER A 299 -4.06 9.62 -0.69
CA SER A 299 -2.63 9.73 -0.95
C SER A 299 -2.10 11.16 -0.91
N ASP A 300 -2.97 12.13 -1.22
CA ASP A 300 -2.55 13.53 -1.25
C ASP A 300 -2.95 14.41 -0.07
N ALA A 301 -3.70 13.85 0.89
CA ALA A 301 -4.12 14.63 2.05
C ALA A 301 -2.89 15.18 2.77
N PRO A 302 -2.92 16.46 3.17
CA PRO A 302 -1.77 17.04 3.84
C PRO A 302 -1.52 16.43 5.22
N ASN A 303 -2.52 15.76 5.77
CA ASN A 303 -2.37 15.14 7.07
C ASN A 303 -2.55 13.62 7.01
N SER A 304 -2.22 13.04 5.86
CA SER A 304 -2.37 11.59 5.69
C SER A 304 -1.40 10.85 6.62
N TRP A 305 -0.42 11.56 7.16
CA TRP A 305 0.54 10.96 8.07
C TRP A 305 -0.14 10.44 9.33
N TYR A 306 -1.36 10.92 9.58
CA TYR A 306 -2.12 10.50 10.76
C TYR A 306 -2.38 8.99 10.81
N GLY A 307 -2.44 8.36 9.64
CA GLY A 307 -2.67 6.92 9.58
C GLY A 307 -1.51 6.23 8.91
N ALA A 308 -0.33 6.84 8.99
CA ALA A 308 0.86 6.30 8.35
C ALA A 308 2.10 6.26 9.23
N GLY A 309 3.07 5.49 8.77
CA GLY A 309 4.33 5.36 9.45
C GLY A 309 5.33 5.01 8.36
N ALA A 310 6.51 4.55 8.73
CA ALA A 310 7.50 4.16 7.72
C ALA A 310 8.41 3.08 8.27
N ILE A 311 9.05 2.36 7.36
CA ILE A 311 9.98 1.31 7.73
C ILE A 311 11.30 1.62 7.03
N LYS A 312 12.38 1.63 7.80
CA LYS A 312 13.72 1.87 7.25
C LYS A 312 14.22 0.49 6.88
N MSE A 313 14.41 0.23 5.60
CA MSE A 313 14.88 -1.09 5.19
C MSE A 313 16.18 -1.05 4.42
O MSE A 313 16.54 -0.04 3.81
CB MSE A 313 13.82 -1.81 4.37
CG MSE A 313 13.15 -0.94 3.35
SE MSE A 313 11.83 -1.94 2.35
CE MSE A 313 12.19 -1.23 0.60
N SER A 314 16.90 -2.17 4.48
CA SER A 314 18.17 -2.31 3.80
C SER A 314 18.19 -3.71 3.21
N GLY A 315 19.20 -4.01 2.39
CA GLY A 315 19.27 -5.33 1.78
C GLY A 315 18.56 -5.43 0.44
N PRO A 316 18.85 -6.46 -0.36
CA PRO A 316 18.24 -6.68 -1.68
C PRO A 316 16.88 -7.38 -1.66
N ASN A 317 16.53 -7.98 -0.53
CA ASN A 317 15.26 -8.69 -0.42
C ASN A 317 14.55 -8.26 0.86
N ASN A 318 13.35 -7.70 0.72
CA ASN A 318 12.59 -7.25 1.88
C ASN A 318 11.15 -7.77 1.85
N HIS A 319 10.47 -7.67 2.99
CA HIS A 319 9.10 -8.18 3.08
C HIS A 319 8.32 -7.55 4.22
N VAL A 320 7.00 -7.58 4.09
CA VAL A 320 6.09 -7.08 5.11
C VAL A 320 4.73 -7.70 4.87
N THR A 321 4.06 -8.07 5.96
CA THR A 321 2.73 -8.66 5.86
C THR A 321 1.71 -7.58 6.21
N VAL A 322 0.75 -7.38 5.32
CA VAL A 322 -0.29 -6.38 5.54
C VAL A 322 -1.67 -7.04 5.48
N GLY A 323 -2.55 -6.63 6.37
CA GLY A 323 -3.89 -7.18 6.39
C GLY A 323 -4.83 -6.44 7.32
N ALA A 324 -6.08 -6.88 7.36
CA ALA A 324 -7.11 -6.29 8.20
C ALA A 324 -7.66 -7.39 9.11
N THR A 325 -7.82 -7.09 10.39
CA THR A 325 -8.31 -8.09 11.32
C THR A 325 -9.30 -7.52 12.33
N SER A 326 -10.29 -8.35 12.72
CA SER A 326 -11.28 -7.94 13.71
C SER A 326 -10.55 -7.50 14.97
N ALA A 327 -11.01 -6.41 15.59
CA ALA A 327 -10.36 -5.92 16.80
C ALA A 327 -10.24 -7.01 17.87
N THR A 328 -11.24 -7.89 17.93
CA THR A 328 -11.23 -8.97 18.90
C THR A 328 -10.06 -9.94 18.79
N ASN A 329 -9.45 -10.02 17.61
CA ASN A 329 -8.32 -10.93 17.41
C ASN A 329 -7.03 -10.32 17.96
N VAL A 330 -7.09 -9.02 18.26
CA VAL A 330 -5.91 -8.29 18.75
C VAL A 330 -5.85 -7.98 20.24
N MSE A 331 -7.01 -7.87 20.89
CA MSE A 331 -7.01 -7.55 22.32
C MSE A 331 -8.39 -7.80 22.95
O MSE A 331 -9.40 -7.89 22.26
CB MSE A 331 -6.62 -6.07 22.53
CG MSE A 331 -7.78 -5.09 22.32
SE MSE A 331 -7.24 -3.25 21.97
CE MSE A 331 -6.59 -2.72 23.69
N PRO A 332 -8.43 -7.94 24.29
CA PRO A 332 -9.68 -8.16 25.01
C PRO A 332 -10.62 -6.97 24.79
N VAL A 333 -11.93 -7.23 24.74
CA VAL A 333 -12.89 -6.15 24.54
C VAL A 333 -12.78 -5.03 25.59
N SER A 334 -12.47 -5.39 26.83
CA SER A 334 -12.36 -4.42 27.91
C SER A 334 -11.18 -3.45 27.80
N ASP A 335 -10.27 -3.70 26.86
CA ASP A 335 -9.12 -2.81 26.68
C ASP A 335 -9.29 -1.90 25.46
N MSE A 336 -10.40 -2.05 24.75
CA MSE A 336 -10.68 -1.26 23.55
C MSE A 336 -11.32 0.10 23.80
O MSE A 336 -11.94 0.34 24.84
CB MSE A 336 -11.62 -2.05 22.63
CG MSE A 336 -11.04 -3.35 22.14
SE MSE A 336 -12.36 -4.34 21.17
CE MSE A 336 -12.59 -3.19 19.66
N PRO A 337 -11.17 1.04 22.84
CA PRO A 337 -11.75 2.37 22.97
C PRO A 337 -13.26 2.17 22.87
N VAL A 338 -14.02 2.99 23.60
CA VAL A 338 -15.47 2.86 23.60
C VAL A 338 -16.17 3.93 22.78
N VAL A 339 -17.03 3.47 21.86
CA VAL A 339 -17.80 4.36 21.00
C VAL A 339 -19.28 4.06 21.26
N PRO A 340 -19.92 4.83 22.17
CA PRO A 340 -21.33 4.61 22.48
C PRO A 340 -22.18 4.45 21.23
N GLY A 341 -22.96 3.38 21.17
CA GLY A 341 -23.80 3.15 20.01
C GLY A 341 -23.19 2.21 18.99
N LYS A 342 -21.94 1.83 19.20
CA LYS A 342 -21.25 0.92 18.29
C LYS A 342 -20.68 -0.28 19.04
N ASP A 343 -20.95 -1.47 18.51
CA ASP A 343 -20.49 -2.73 19.09
C ASP A 343 -19.13 -3.10 18.52
N ASN A 344 -18.11 -3.11 19.37
CA ASN A 344 -16.75 -3.45 18.93
C ASN A 344 -16.65 -4.89 18.42
N THR A 345 -17.72 -5.64 18.62
CA THR A 345 -17.81 -7.04 18.22
C THR A 345 -18.30 -7.23 16.78
N ASP A 346 -18.88 -6.20 16.19
CA ASP A 346 -19.40 -6.29 14.83
C ASP A 346 -18.42 -6.91 13.85
N GLY A 347 -18.94 -7.78 12.99
CA GLY A 347 -18.09 -8.40 11.99
C GLY A 347 -17.68 -7.38 10.95
N LYS A 348 -16.74 -7.75 10.09
CA LYS A 348 -16.26 -6.85 9.05
C LYS A 348 -16.08 -7.64 7.77
N LYS A 349 -15.91 -6.93 6.66
CA LYS A 349 -15.68 -7.57 5.39
C LYS A 349 -14.23 -8.04 5.39
N PRO A 350 -13.98 -9.31 5.03
CA PRO A 350 -12.59 -9.76 5.01
C PRO A 350 -11.89 -9.36 3.71
N ASN A 351 -11.78 -8.05 3.48
CA ASN A 351 -11.10 -7.54 2.29
C ASN A 351 -10.22 -6.34 2.65
N ILE A 352 -9.38 -5.92 1.72
CA ILE A 352 -8.50 -4.80 1.99
C ILE A 352 -7.77 -4.29 0.75
N TRP A 353 -7.51 -2.99 0.75
CA TRP A 353 -6.76 -2.35 -0.32
C TRP A 353 -5.55 -1.71 0.36
N TYR A 354 -4.35 -2.01 -0.14
CA TYR A 354 -3.15 -1.43 0.45
C TYR A 354 -2.06 -1.37 -0.60
N SER A 355 -1.02 -0.62 -0.30
CA SER A 355 0.10 -0.48 -1.20
C SER A 355 1.35 -0.23 -0.36
N LEU A 356 2.50 -0.50 -0.95
CA LEU A 356 3.78 -0.28 -0.28
C LEU A 356 4.62 0.47 -1.32
N ASN A 357 4.88 1.74 -1.05
CA ASN A 357 5.67 2.54 -1.97
C ASN A 357 6.58 3.50 -1.20
N GLY A 358 7.26 4.39 -1.90
CA GLY A 358 8.16 5.33 -1.25
C GLY A 358 7.57 6.69 -0.92
N LYS A 359 6.26 6.85 -1.07
CA LYS A 359 5.63 8.12 -0.77
C LYS A 359 5.44 8.32 0.74
N ILE A 360 6.56 8.52 1.44
CA ILE A 360 6.53 8.72 2.88
C ILE A 360 5.57 9.88 3.19
N ARG A 361 4.65 9.67 4.13
CA ARG A 361 3.66 10.71 4.44
C ARG A 361 4.08 11.79 5.42
N ALA A 362 5.28 11.68 5.99
CA ALA A 362 5.77 12.70 6.92
C ALA A 362 6.01 13.98 6.13
N VAL A 363 6.13 15.12 6.82
CA VAL A 363 6.37 16.39 6.12
C VAL A 363 7.85 16.71 5.92
N ASN A 364 8.10 17.51 4.88
CA ASN A 364 9.44 17.97 4.52
C ASN A 364 10.55 16.93 4.53
N VAL A 365 10.32 15.79 3.90
CA VAL A 365 11.35 14.77 3.85
C VAL A 365 12.21 15.08 2.64
N PRO A 366 13.51 15.34 2.84
CA PRO A 366 14.38 15.65 1.70
C PRO A 366 14.63 14.43 0.82
N LYS A 367 14.47 14.60 -0.48
CA LYS A 367 14.64 13.53 -1.45
C LYS A 367 16.04 13.49 -2.07
N VAL A 368 16.53 12.29 -2.33
CA VAL A 368 17.83 12.12 -2.96
C VAL A 368 17.53 11.93 -4.43
N THR A 369 17.99 12.86 -5.26
CA THR A 369 17.73 12.80 -6.70
C THR A 369 18.98 12.61 -7.55
N LYS A 370 20.11 13.12 -7.08
CA LYS A 370 21.37 13.02 -7.82
C LYS A 370 22.28 11.88 -7.37
N GLU A 371 22.73 11.07 -8.32
CA GLU A 371 23.63 9.98 -8.00
C GLU A 371 25.05 10.53 -8.06
N LYS A 372 25.92 10.00 -7.21
CA LYS A 372 27.31 10.43 -7.17
C LYS A 372 28.06 9.95 -8.42
N PRO A 373 28.45 10.87 -9.30
CA PRO A 373 29.16 10.49 -10.52
C PRO A 373 30.55 9.93 -10.22
N THR A 374 30.91 8.85 -10.90
CA THR A 374 32.21 8.22 -10.70
C THR A 374 33.24 8.83 -11.67
N PRO A 375 34.42 9.21 -11.15
CA PRO A 375 35.48 9.81 -11.98
C PRO A 375 35.89 8.94 -13.16
N PRO A 376 35.73 9.46 -14.39
CA PRO A 376 36.07 8.75 -15.63
C PRO A 376 37.47 8.10 -15.59
N VAL A 377 37.60 6.94 -16.22
CA VAL A 377 38.86 6.21 -16.25
C VAL A 377 39.54 6.34 -17.61
NA NA B . -6.28 1.65 4.20
#